data_5I67
#
_entry.id   5I67
#
_cell.length_a   103.721
_cell.length_b   124.598
_cell.length_c   121.302
_cell.angle_alpha   90.00
_cell.angle_beta   90.00
_cell.angle_gamma   90.00
#
_symmetry.space_group_name_H-M   'C 2 2 21'
#
loop_
_entity.id
_entity.type
_entity.pdbx_description
1 polymer 'Phosphoenolpyruvate carboxykinase [GTP]'
2 non-polymer "GUANOSINE-5'-DIPHOSPHATE"
3 non-polymer DI(HYDROXYETHYL)ETHER
4 non-polymer 'MANGANESE (II) ION'
5 water water
#
_entity_poly.entity_id   1
_entity_poly.type   'polypeptide(L)'
_entity_poly.pdbx_seq_one_letter_code
;TSATIPGLDTAPTNHQGLLSWVEEVAELTQPDRVVFTDGSEEEFQRLCDQLVEAGTFIRLNPEKHKNSYLALSDPSDVAR
VESRTYICSAKEIDAGPTNNWMDPGEMRSIMKDLYRGCMRGRTMYVVPFCMGPLGAEDPKLGVEITDSEYVVVSMRTMTR
MGKAALEKMGDDGFFVKALHSVGAPLEPGQKDVAWPCSETKYITHFPETREIWSYGSGYGGNALLGKKCYSLRIASAMAH
DEGWLAEHMLILKLISPENKAYYFAAAFPSASGKTNLAMLQPTIPGWRAETLGDDIAWMRFGKDGRLYAVNPEFGFFGVA
PGTNWKSNPNAMRTIAAGNTVFTNVALTDDGDVWWEGLEGDPQHLIDWKGNDWYFRETETNAAHPNSRYCTPMSQCPILA
PEWDDPQGVPISGILFGGRRKTTVPLVTEARDWQHGVFIGATLGSEQTAAAEGKVGNVRRDPMAMLPFLGYNVGDYFQHW
INLGKHADESKLPKVFFVNWFRRGDDGRFLWPGFGENSRVLKWIVDRIEHKAGGATTPIGTVPAVEDLDLDGLDVDAADV
AAALAVDADEWRQELPLIEEWLQFVGEKLPTGVKDEFDALKERLG
;
_entity_poly.pdbx_strand_id   A
#
loop_
_chem_comp.id
_chem_comp.type
_chem_comp.name
_chem_comp.formula
GDP RNA linking GUANOSINE-5'-DIPHOSPHATE 'C10 H15 N5 O11 P2'
MN non-polymer 'MANGANESE (II) ION' 'Mn 2'
PEG non-polymer DI(HYDROXYETHYL)ETHER 'C4 H10 O3'
#
# COMPACT_ATOMS: atom_id res chain seq x y z
N GLY A 7 -36.49 -0.51 0.80
CA GLY A 7 -35.02 -0.65 1.03
C GLY A 7 -34.67 -1.66 2.11
N LEU A 8 -34.33 -1.17 3.31
CA LEU A 8 -34.01 -2.02 4.48
C LEU A 8 -34.03 -1.26 5.82
N ASP A 9 -35.05 -1.53 6.62
CA ASP A 9 -35.04 -1.27 8.06
C ASP A 9 -35.26 -2.61 8.79
N THR A 10 -34.66 -3.66 8.23
CA THR A 10 -34.38 -4.93 8.92
C THR A 10 -32.86 -5.17 8.93
N ALA A 11 -32.12 -4.13 9.34
CA ALA A 11 -30.65 -4.14 9.37
C ALA A 11 -30.15 -4.49 10.76
N PRO A 12 -29.09 -5.31 10.87
CA PRO A 12 -28.66 -5.82 12.18
C PRO A 12 -27.91 -4.81 13.05
N THR A 13 -28.52 -3.65 13.32
CA THR A 13 -27.89 -2.59 14.09
C THR A 13 -28.91 -1.52 14.53
N ASN A 14 -28.69 -0.98 15.74
CA ASN A 14 -29.47 0.16 16.26
C ASN A 14 -28.69 1.48 16.23
N HIS A 15 -27.60 1.50 15.45
CA HIS A 15 -26.78 2.69 15.30
C HIS A 15 -27.56 3.72 14.46
N GLN A 16 -28.10 4.73 15.14
CA GLN A 16 -28.97 5.71 14.49
C GLN A 16 -28.21 6.60 13.50
N GLY A 17 -27.06 7.11 13.92
CA GLY A 17 -26.19 7.93 13.04
C GLY A 17 -25.85 7.27 11.71
N LEU A 18 -25.68 5.95 11.73
CA LEU A 18 -25.44 5.13 10.55
C LEU A 18 -26.70 5.03 9.72
N LEU A 19 -27.78 4.64 10.37
CA LEU A 19 -29.09 4.49 9.73
C LEU A 19 -29.54 5.78 9.08
N SER A 20 -29.36 6.91 9.78
CA SER A 20 -29.61 8.24 9.21
C SER A 20 -28.83 8.40 7.91
N TRP A 21 -27.53 8.15 7.99
CA TRP A 21 -26.62 8.32 6.85
C TRP A 21 -26.98 7.40 5.65
N VAL A 22 -27.27 6.13 5.93
CA VAL A 22 -27.68 5.19 4.88
C VAL A 22 -28.96 5.66 4.15
N GLU A 23 -29.92 6.14 4.92
CA GLU A 23 -31.21 6.63 4.40
C GLU A 23 -31.00 7.88 3.54
N GLU A 24 -30.23 8.81 4.08
CA GLU A 24 -29.87 10.07 3.39
C GLU A 24 -29.19 9.82 2.03
N VAL A 25 -28.24 8.90 2.02
CA VAL A 25 -27.54 8.52 0.81
C VAL A 25 -28.49 7.84 -0.19
N ALA A 26 -29.30 6.91 0.31
CA ALA A 26 -30.28 6.17 -0.51
C ALA A 26 -31.30 7.10 -1.19
N GLU A 27 -31.76 8.11 -0.45
CA GLU A 27 -32.65 9.14 -1.01
C GLU A 27 -31.98 9.94 -2.14
N LEU A 28 -30.69 10.20 -1.99
CA LEU A 28 -29.92 10.89 -3.03
C LEU A 28 -29.64 10.01 -4.26
N THR A 29 -29.16 8.78 -4.05
CA THR A 29 -28.69 7.93 -5.17
C THR A 29 -29.75 7.03 -5.77
N GLN A 30 -30.81 6.75 -4.99
CA GLN A 30 -32.04 6.04 -5.45
C GLN A 30 -31.75 4.61 -5.90
N PRO A 31 -31.30 3.75 -4.98
CA PRO A 31 -31.12 2.36 -5.35
C PRO A 31 -32.46 1.62 -5.40
N ASP A 32 -32.48 0.39 -5.92
CA ASP A 32 -33.68 -0.47 -5.84
C ASP A 32 -33.90 -0.96 -4.40
N ARG A 33 -32.81 -1.35 -3.74
CA ARG A 33 -32.84 -1.85 -2.37
C ARG A 33 -31.53 -1.53 -1.64
N VAL A 34 -31.51 -1.77 -0.34
CA VAL A 34 -30.30 -1.63 0.48
C VAL A 34 -30.01 -2.99 1.13
N VAL A 35 -28.73 -3.40 1.13
CA VAL A 35 -28.30 -4.69 1.69
C VAL A 35 -27.09 -4.52 2.59
N PHE A 36 -27.27 -4.70 3.90
CA PHE A 36 -26.16 -4.71 4.85
C PHE A 36 -25.41 -6.02 4.69
N THR A 37 -24.08 -5.95 4.59
CA THR A 37 -23.25 -7.15 4.45
C THR A 37 -22.83 -7.68 5.83
N ASP A 38 -22.85 -9.00 6.01
CA ASP A 38 -22.37 -9.66 7.24
C ASP A 38 -20.93 -10.24 7.19
N GLY A 39 -20.37 -10.42 6.00
CA GLY A 39 -19.03 -10.99 5.85
C GLY A 39 -18.89 -12.51 5.94
N SER A 40 -20.03 -13.20 6.09
CA SER A 40 -20.07 -14.65 6.18
C SER A 40 -19.61 -15.31 4.88
N GLU A 41 -19.18 -16.57 4.98
CA GLU A 41 -18.76 -17.33 3.80
C GLU A 41 -19.91 -17.53 2.81
N GLU A 42 -21.13 -17.63 3.35
CA GLU A 42 -22.33 -17.86 2.54
C GLU A 42 -22.62 -16.64 1.70
N GLU A 43 -22.63 -15.48 2.34
CA GLU A 43 -22.78 -14.20 1.64
C GLU A 43 -21.79 -14.12 0.48
N PHE A 44 -20.52 -14.39 0.80
CA PHE A 44 -19.43 -14.34 -0.18
C PHE A 44 -19.75 -15.22 -1.38
N GLN A 45 -20.20 -16.45 -1.12
CA GLN A 45 -20.57 -17.39 -2.16
C GLN A 45 -21.73 -16.88 -3.02
N ARG A 46 -22.76 -16.35 -2.36
CA ARG A 46 -23.92 -15.79 -3.05
C ARG A 46 -23.53 -14.64 -3.97
N LEU A 47 -22.66 -13.74 -3.49
CA LEU A 47 -22.20 -12.56 -4.27
C LEU A 47 -21.36 -12.94 -5.48
N CYS A 48 -20.50 -13.93 -5.29
CA CYS A 48 -19.71 -14.45 -6.41
C CYS A 48 -20.62 -15.04 -7.49
N ASP A 49 -21.63 -15.81 -7.06
CA ASP A 49 -22.58 -16.41 -8.00
C ASP A 49 -23.31 -15.35 -8.81
N GLN A 50 -23.75 -14.28 -8.13
CA GLN A 50 -24.38 -13.15 -8.81
C GLN A 50 -23.42 -12.50 -9.80
N LEU A 51 -22.15 -12.36 -9.39
CA LEU A 51 -21.10 -11.81 -10.28
C LEU A 51 -20.77 -12.75 -11.44
N VAL A 52 -20.83 -14.06 -11.22
CA VAL A 52 -20.65 -15.03 -12.32
C VAL A 52 -21.80 -14.92 -13.33
N GLU A 53 -23.03 -14.82 -12.82
CA GLU A 53 -24.25 -14.68 -13.66
C GLU A 53 -24.31 -13.35 -14.42
N ALA A 54 -23.83 -12.27 -13.81
CA ALA A 54 -23.66 -10.99 -14.51
C ALA A 54 -22.54 -10.96 -15.59
N GLY A 55 -21.63 -11.92 -15.58
CA GLY A 55 -20.45 -11.92 -16.49
C GLY A 55 -19.23 -11.16 -15.98
N THR A 56 -19.29 -10.67 -14.74
CA THR A 56 -18.22 -9.90 -14.13
C THR A 56 -17.11 -10.85 -13.66
N PHE A 57 -17.49 -11.97 -13.03
CA PHE A 57 -16.58 -13.06 -12.67
C PHE A 57 -16.69 -14.25 -13.62
N ILE A 58 -15.60 -15.01 -13.70
CA ILE A 58 -15.56 -16.33 -14.31
C ILE A 58 -15.03 -17.24 -13.21
N ARG A 59 -15.78 -18.27 -12.81
CA ARG A 59 -15.30 -19.21 -11.77
C ARG A 59 -14.19 -20.07 -12.35
N LEU A 60 -13.02 -20.03 -11.72
CA LEU A 60 -11.86 -20.77 -12.23
C LEU A 60 -12.04 -22.24 -11.95
N ASN A 61 -11.37 -23.06 -12.78
CA ASN A 61 -11.41 -24.52 -12.68
C ASN A 61 -11.24 -24.98 -11.23
N PRO A 62 -12.28 -25.59 -10.64
CA PRO A 62 -12.21 -25.99 -9.21
C PRO A 62 -11.17 -27.08 -8.89
N GLU A 63 -10.82 -27.92 -9.88
CA GLU A 63 -9.72 -28.89 -9.71
C GLU A 63 -8.44 -28.15 -9.40
N LYS A 64 -8.08 -27.17 -10.24
CA LYS A 64 -6.83 -26.41 -10.08
C LYS A 64 -6.85 -25.39 -8.91
N HIS A 65 -7.91 -24.60 -8.81
CA HIS A 65 -8.02 -23.61 -7.73
C HIS A 65 -9.31 -23.84 -6.96
N LYS A 66 -9.28 -23.54 -5.68
CA LYS A 66 -10.43 -23.70 -4.80
C LYS A 66 -11.13 -22.35 -4.65
N ASN A 67 -12.35 -22.22 -5.18
CA ASN A 67 -13.20 -21.07 -4.92
C ASN A 67 -12.51 -19.74 -5.32
N SER A 68 -12.06 -19.70 -6.57
CA SER A 68 -11.33 -18.55 -7.09
C SER A 68 -11.92 -18.09 -8.41
N TYR A 69 -11.69 -16.81 -8.71
CA TYR A 69 -12.40 -16.11 -9.79
C TYR A 69 -11.50 -15.18 -10.61
N LEU A 70 -11.82 -15.05 -11.89
CA LEU A 70 -11.21 -14.07 -12.79
C LEU A 70 -12.23 -12.95 -13.13
N ALA A 71 -11.79 -11.70 -13.01
CA ALA A 71 -12.60 -10.54 -13.36
C ALA A 71 -11.87 -9.68 -14.37
N LEU A 72 -12.57 -9.32 -15.45
CA LEU A 72 -12.04 -8.46 -16.49
C LEU A 72 -12.75 -7.11 -16.38
N SER A 73 -11.97 -6.04 -16.32
CA SER A 73 -12.51 -4.71 -16.23
C SER A 73 -12.53 -4.05 -17.61
N ASP A 74 -13.38 -3.02 -17.70
CA ASP A 74 -13.41 -2.10 -18.84
C ASP A 74 -12.02 -1.50 -18.97
N PRO A 75 -11.42 -1.56 -20.18
CA PRO A 75 -10.07 -0.97 -20.35
C PRO A 75 -9.96 0.53 -19.99
N SER A 76 -11.09 1.23 -19.92
CA SER A 76 -11.16 2.59 -19.39
C SER A 76 -10.92 2.72 -17.86
N ASP A 77 -11.16 1.64 -17.11
CA ASP A 77 -11.15 1.68 -15.65
C ASP A 77 -10.11 0.67 -15.13
N VAL A 78 -8.84 1.07 -15.14
CA VAL A 78 -7.69 0.13 -15.04
C VAL A 78 -6.56 0.49 -14.06
N ALA A 79 -6.65 1.63 -13.36
CA ALA A 79 -5.71 1.97 -12.30
C ALA A 79 -6.26 3.03 -11.37
N ARG A 80 -5.47 3.34 -10.34
CA ARG A 80 -5.67 4.56 -9.56
C ARG A 80 -5.40 5.73 -10.51
N VAL A 81 -6.29 6.73 -10.47
CA VAL A 81 -6.18 7.93 -11.30
C VAL A 81 -5.92 9.11 -10.38
N GLU A 82 -4.63 9.45 -10.26
CA GLU A 82 -4.16 10.48 -9.33
C GLU A 82 -4.60 11.89 -9.74
N SER A 83 -4.80 12.10 -11.04
CA SER A 83 -5.31 13.36 -11.61
C SER A 83 -6.69 13.77 -11.08
N ARG A 84 -7.52 12.79 -10.69
CA ARG A 84 -8.87 13.03 -10.16
C ARG A 84 -8.97 12.77 -8.66
N THR A 85 -7.83 12.61 -7.98
CA THR A 85 -7.79 12.27 -6.57
C THR A 85 -7.53 13.56 -5.82
N TYR A 86 -8.39 13.88 -4.85
CA TYR A 86 -8.43 15.21 -4.21
C TYR A 86 -8.37 15.17 -2.69
N ILE A 87 -7.65 16.12 -2.11
CA ILE A 87 -7.77 16.41 -0.67
C ILE A 87 -8.53 17.73 -0.51
N CYS A 88 -9.77 17.64 -0.03
CA CYS A 88 -10.63 18.80 0.15
C CYS A 88 -10.75 19.18 1.62
N SER A 89 -9.63 19.69 2.15
CA SER A 89 -9.59 20.37 3.45
C SER A 89 -10.18 21.78 3.29
N ALA A 90 -10.51 22.42 4.41
CA ALA A 90 -11.12 23.76 4.37
C ALA A 90 -10.21 24.79 3.68
N LYS A 91 -8.96 24.87 4.13
CA LYS A 91 -7.97 25.75 3.53
C LYS A 91 -7.04 24.96 2.59
N GLU A 92 -6.66 25.59 1.48
CA GLU A 92 -5.80 24.96 0.47
C GLU A 92 -4.40 24.59 0.99
N ILE A 93 -3.88 25.35 1.94
CA ILE A 93 -2.56 25.08 2.49
C ILE A 93 -2.51 23.71 3.17
N ASP A 94 -3.59 23.32 3.85
CA ASP A 94 -3.63 22.05 4.57
C ASP A 94 -3.71 20.80 3.67
N ALA A 95 -3.90 20.99 2.35
CA ALA A 95 -3.67 19.93 1.36
C ALA A 95 -2.22 19.95 0.91
N GLY A 96 -1.71 21.14 0.57
CA GLY A 96 -0.30 21.33 0.28
C GLY A 96 0.07 21.00 -1.16
N PRO A 97 1.30 21.31 -1.57
CA PRO A 97 1.70 21.26 -2.99
C PRO A 97 1.84 19.86 -3.62
N THR A 98 1.88 18.80 -2.81
CA THR A 98 1.89 17.41 -3.32
C THR A 98 0.47 16.91 -3.67
N ASN A 99 -0.55 17.66 -3.23
CA ASN A 99 -1.94 17.25 -3.37
C ASN A 99 -2.75 18.12 -4.31
N ASN A 100 -3.81 17.54 -4.87
CA ASN A 100 -4.79 18.29 -5.66
C ASN A 100 -5.89 18.74 -4.71
N TRP A 101 -6.14 20.04 -4.68
CA TRP A 101 -7.13 20.61 -3.77
C TRP A 101 -8.29 21.21 -4.55
N MET A 102 -9.48 21.13 -3.95
CA MET A 102 -10.63 21.93 -4.36
C MET A 102 -11.35 22.41 -3.10
N ASP A 103 -12.02 23.57 -3.19
CA ASP A 103 -12.86 24.04 -2.10
C ASP A 103 -13.85 22.92 -1.74
N PRO A 104 -13.98 22.60 -0.43
CA PRO A 104 -14.94 21.58 0.01
C PRO A 104 -16.38 21.79 -0.45
N GLY A 105 -16.85 23.04 -0.40
CA GLY A 105 -18.17 23.38 -0.94
C GLY A 105 -18.28 23.22 -2.45
N GLU A 106 -17.21 23.58 -3.17
CA GLU A 106 -17.22 23.42 -4.62
C GLU A 106 -17.28 21.96 -5.03
N MET A 107 -16.56 21.10 -4.29
CA MET A 107 -16.50 19.65 -4.56
C MET A 107 -17.81 18.96 -4.20
N ARG A 108 -18.35 19.26 -3.02
CA ARG A 108 -19.66 18.73 -2.60
C ARG A 108 -20.76 19.08 -3.62
N SER A 109 -20.73 20.28 -4.18
CA SER A 109 -21.68 20.65 -5.25
C SER A 109 -21.57 19.76 -6.50
N ILE A 110 -20.35 19.37 -6.85
CA ILE A 110 -20.09 18.57 -8.06
C ILE A 110 -20.48 17.10 -7.86
N MET A 111 -20.12 16.54 -6.70
CA MET A 111 -20.36 15.11 -6.45
C MET A 111 -21.80 14.81 -6.06
N LYS A 112 -22.43 15.73 -5.33
CA LYS A 112 -23.85 15.59 -4.96
C LYS A 112 -24.75 15.67 -6.19
N ASP A 113 -24.28 16.35 -7.24
CA ASP A 113 -24.93 16.32 -8.55
C ASP A 113 -24.72 14.97 -9.24
N LEU A 114 -23.47 14.49 -9.19
CA LEU A 114 -23.10 13.22 -9.81
C LEU A 114 -23.76 12.00 -9.16
N TYR A 115 -23.88 12.05 -7.83
CA TYR A 115 -24.51 10.97 -7.07
C TYR A 115 -26.03 10.95 -7.21
N ARG A 116 -26.67 12.07 -7.56
CA ARG A 116 -28.12 12.09 -7.64
C ARG A 116 -28.57 11.12 -8.73
N GLY A 117 -29.26 10.07 -8.29
CA GLY A 117 -29.76 9.04 -9.19
C GLY A 117 -28.74 8.11 -9.82
N CYS A 118 -27.52 8.08 -9.28
CA CYS A 118 -26.43 7.28 -9.87
C CYS A 118 -26.61 5.77 -9.68
N MET A 119 -27.38 5.38 -8.66
CA MET A 119 -27.62 3.97 -8.33
C MET A 119 -28.98 3.44 -8.79
N ARG A 120 -29.63 4.12 -9.74
CA ARG A 120 -30.89 3.63 -10.29
C ARG A 120 -30.68 2.27 -10.96
N GLY A 121 -31.42 1.27 -10.49
CA GLY A 121 -31.36 -0.09 -11.02
C GLY A 121 -30.21 -0.92 -10.48
N ARG A 122 -29.86 -0.72 -9.20
CA ARG A 122 -28.73 -1.39 -8.55
C ARG A 122 -28.98 -1.51 -7.05
N THR A 123 -28.41 -2.56 -6.47
CA THR A 123 -28.36 -2.75 -5.03
C THR A 123 -27.28 -1.83 -4.42
N MET A 124 -27.65 -1.05 -3.41
CA MET A 124 -26.72 -0.29 -2.61
C MET A 124 -26.28 -1.16 -1.43
N TYR A 125 -25.03 -1.62 -1.43
CA TYR A 125 -24.51 -2.43 -0.33
C TYR A 125 -23.93 -1.53 0.71
N VAL A 126 -24.22 -1.80 1.98
CA VAL A 126 -23.60 -1.15 3.11
C VAL A 126 -22.61 -2.17 3.69
N VAL A 127 -21.35 -1.78 3.76
CA VAL A 127 -20.25 -2.70 4.07
C VAL A 127 -19.52 -2.17 5.31
N PRO A 128 -19.87 -2.69 6.49
CA PRO A 128 -19.12 -2.29 7.68
C PRO A 128 -17.77 -2.99 7.68
N PHE A 129 -16.76 -2.34 8.25
CA PHE A 129 -15.41 -2.95 8.32
C PHE A 129 -14.50 -2.33 9.39
N CYS A 130 -13.49 -3.10 9.76
CA CYS A 130 -12.50 -2.71 10.74
C CYS A 130 -11.08 -2.75 10.16
N MET A 131 -10.35 -1.65 10.37
CA MET A 131 -8.93 -1.55 9.99
C MET A 131 -8.10 -1.84 11.25
N GLY A 132 -7.22 -2.82 11.13
CA GLY A 132 -6.45 -3.35 12.25
C GLY A 132 -7.18 -4.54 12.83
N PRO A 133 -6.52 -5.29 13.74
CA PRO A 133 -7.22 -6.37 14.46
C PRO A 133 -8.40 -5.87 15.30
N LEU A 134 -9.36 -6.76 15.54
CA LEU A 134 -10.61 -6.40 16.22
C LEU A 134 -10.47 -6.15 17.73
N GLY A 135 -9.40 -6.65 18.35
CA GLY A 135 -9.24 -6.53 19.80
C GLY A 135 -8.68 -5.21 20.32
N ALA A 136 -8.72 -4.14 19.51
CA ALA A 136 -8.05 -2.89 19.85
C ALA A 136 -8.86 -2.06 20.86
N GLU A 137 -8.16 -1.14 21.55
CA GLU A 137 -8.79 -0.18 22.45
C GLU A 137 -9.63 0.79 21.61
N ASP A 138 -8.99 1.39 20.61
CA ASP A 138 -9.66 2.22 19.61
C ASP A 138 -9.54 1.52 18.25
N PRO A 139 -10.42 0.53 17.98
CA PRO A 139 -10.40 -0.03 16.62
C PRO A 139 -10.84 1.05 15.64
N LYS A 140 -10.13 1.16 14.52
CA LYS A 140 -10.44 2.19 13.53
C LYS A 140 -11.38 1.58 12.52
N LEU A 141 -12.66 1.94 12.64
CA LEU A 141 -13.76 1.33 11.91
C LEU A 141 -14.25 2.23 10.78
N GLY A 142 -14.92 1.60 9.81
CA GLY A 142 -15.47 2.32 8.66
C GLY A 142 -16.65 1.58 8.11
N VAL A 143 -17.48 2.30 7.35
CA VAL A 143 -18.61 1.71 6.62
C VAL A 143 -18.49 2.24 5.21
N GLU A 144 -18.39 1.33 4.24
CA GLU A 144 -18.39 1.72 2.85
C GLU A 144 -19.72 1.37 2.21
N ILE A 145 -20.35 2.38 1.65
CA ILE A 145 -21.53 2.20 0.82
C ILE A 145 -21.05 2.07 -0.63
N THR A 146 -21.61 1.11 -1.36
CA THR A 146 -21.23 0.90 -2.75
C THR A 146 -22.34 0.24 -3.58
N ASP A 147 -22.34 0.54 -4.87
CA ASP A 147 -23.24 -0.11 -5.81
C ASP A 147 -22.57 -1.24 -6.59
N SER A 148 -21.50 -1.81 -6.03
CA SER A 148 -20.65 -2.77 -6.77
C SER A 148 -20.38 -3.97 -5.88
N GLU A 149 -20.78 -5.16 -6.34
CA GLU A 149 -20.46 -6.42 -5.64
C GLU A 149 -19.00 -6.80 -5.62
N TYR A 150 -18.30 -6.51 -6.72
CA TYR A 150 -16.85 -6.65 -6.80
C TYR A 150 -16.19 -5.97 -5.59
N VAL A 151 -16.62 -4.74 -5.29
CA VAL A 151 -16.16 -4.04 -4.10
C VAL A 151 -16.46 -4.82 -2.80
N VAL A 152 -17.68 -5.31 -2.67
CA VAL A 152 -18.07 -6.03 -1.44
C VAL A 152 -17.17 -7.22 -1.23
N VAL A 153 -17.12 -8.06 -2.26
CA VAL A 153 -16.31 -9.28 -2.30
C VAL A 153 -14.83 -9.00 -2.02
N SER A 154 -14.28 -7.97 -2.66
CA SER A 154 -12.89 -7.59 -2.46
C SER A 154 -12.67 -7.06 -1.04
N MET A 155 -13.56 -6.19 -0.57
CA MET A 155 -13.50 -5.64 0.80
C MET A 155 -13.56 -6.71 1.87
N ARG A 156 -14.27 -7.79 1.59
CA ARG A 156 -14.35 -8.95 2.48
C ARG A 156 -12.95 -9.52 2.78
N THR A 157 -12.14 -9.66 1.73
CA THR A 157 -10.77 -10.15 1.84
C THR A 157 -9.80 -9.09 2.39
N MET A 158 -9.88 -7.86 1.86
CA MET A 158 -8.97 -6.78 2.22
C MET A 158 -9.22 -6.14 3.59
N THR A 159 -10.39 -6.37 4.18
CA THR A 159 -10.72 -5.88 5.53
C THR A 159 -11.39 -6.96 6.37
N ARG A 160 -11.39 -6.75 7.68
CA ARG A 160 -12.27 -7.48 8.57
C ARG A 160 -13.66 -6.87 8.35
N MET A 161 -14.52 -7.59 7.63
CA MET A 161 -15.74 -7.02 7.09
C MET A 161 -17.03 -7.60 7.72
N GLY A 162 -17.96 -6.71 8.05
CA GLY A 162 -19.34 -7.08 8.37
C GLY A 162 -19.67 -7.20 9.85
N LYS A 163 -20.23 -8.35 10.21
CA LYS A 163 -20.88 -8.57 11.50
C LYS A 163 -20.03 -8.06 12.66
N ALA A 164 -18.83 -8.62 12.78
CA ALA A 164 -17.92 -8.30 13.88
C ALA A 164 -17.66 -6.79 13.99
N ALA A 165 -17.34 -6.18 12.85
CA ALA A 165 -17.10 -4.74 12.77
C ALA A 165 -18.33 -3.93 13.17
N LEU A 166 -19.49 -4.35 12.69
CA LEU A 166 -20.76 -3.68 12.98
C LEU A 166 -21.08 -3.69 14.48
N GLU A 167 -20.84 -4.84 15.13
CA GLU A 167 -21.00 -4.96 16.57
C GLU A 167 -19.98 -4.09 17.34
N LYS A 168 -18.72 -4.05 16.88
CA LYS A 168 -17.70 -3.17 17.49
C LYS A 168 -18.01 -1.68 17.37
N MET A 169 -18.92 -1.30 16.47
CA MET A 169 -19.37 0.09 16.34
C MET A 169 -20.31 0.55 17.44
N GLY A 170 -21.11 -0.36 17.99
CA GLY A 170 -22.14 0.00 18.99
C GLY A 170 -23.33 0.72 18.38
N ASP A 171 -24.05 1.47 19.20
CA ASP A 171 -25.23 2.27 18.76
C ASP A 171 -24.89 3.75 18.49
N ASP A 172 -23.73 4.20 18.97
CA ASP A 172 -23.10 5.45 18.55
C ASP A 172 -21.67 5.04 18.18
N GLY A 173 -20.62 5.80 18.50
CA GLY A 173 -19.25 5.34 18.22
C GLY A 173 -18.84 5.64 16.80
N PHE A 174 -17.73 6.39 16.66
CA PHE A 174 -17.35 7.01 15.40
C PHE A 174 -16.96 5.96 14.35
N PHE A 175 -17.10 6.34 13.09
CA PHE A 175 -16.60 5.52 11.99
C PHE A 175 -16.39 6.39 10.74
N VAL A 176 -15.50 5.93 9.88
CA VAL A 176 -15.27 6.61 8.60
C VAL A 176 -16.44 6.32 7.64
N LYS A 177 -17.11 7.37 7.20
CA LYS A 177 -18.17 7.28 6.20
C LYS A 177 -17.54 7.27 4.81
N ALA A 178 -17.48 6.12 4.17
CA ALA A 178 -16.89 6.00 2.84
C ALA A 178 -17.99 5.77 1.82
N LEU A 179 -18.18 6.72 0.91
CA LEU A 179 -19.20 6.59 -0.14
C LEU A 179 -18.53 6.24 -1.49
N HIS A 180 -19.04 5.20 -2.14
CA HIS A 180 -18.57 4.82 -3.49
C HIS A 180 -19.74 4.55 -4.45
N SER A 181 -19.59 4.93 -5.71
CA SER A 181 -20.50 4.53 -6.77
C SER A 181 -19.74 4.39 -8.10
N VAL A 182 -20.07 3.37 -8.89
CA VAL A 182 -19.48 3.23 -10.24
C VAL A 182 -19.98 4.26 -11.27
N GLY A 183 -21.02 5.01 -10.94
CA GLY A 183 -21.55 6.06 -11.83
C GLY A 183 -22.15 5.60 -13.15
N ALA A 184 -22.77 4.41 -13.15
CA ALA A 184 -23.42 3.85 -14.32
C ALA A 184 -24.81 3.39 -13.94
N PRO A 185 -25.72 4.35 -13.69
CA PRO A 185 -27.11 4.01 -13.40
C PRO A 185 -27.79 3.34 -14.59
N LEU A 186 -28.80 2.54 -14.27
CA LEU A 186 -29.58 1.85 -15.26
C LEU A 186 -30.98 2.44 -15.39
N GLU A 187 -31.44 2.55 -16.64
CA GLU A 187 -32.82 2.84 -16.93
C GLU A 187 -33.55 1.51 -16.85
N PRO A 188 -34.83 1.51 -16.41
CA PRO A 188 -35.68 0.33 -16.42
C PRO A 188 -35.64 -0.47 -17.73
N GLY A 189 -35.47 -1.79 -17.63
CA GLY A 189 -35.38 -2.68 -18.81
C GLY A 189 -34.00 -2.82 -19.44
N GLN A 190 -33.13 -1.81 -19.24
CA GLN A 190 -31.78 -1.74 -19.82
C GLN A 190 -30.86 -2.82 -19.28
N LYS A 191 -30.10 -3.45 -20.19
CA LYS A 191 -29.17 -4.52 -19.84
C LYS A 191 -27.83 -3.93 -19.42
N ASP A 192 -27.33 -4.40 -18.28
CA ASP A 192 -26.11 -3.90 -17.66
C ASP A 192 -24.90 -4.38 -18.44
N VAL A 193 -23.72 -3.92 -18.05
CA VAL A 193 -22.46 -4.39 -18.61
C VAL A 193 -21.72 -5.20 -17.56
N ALA A 194 -20.71 -5.94 -18.01
CA ALA A 194 -19.90 -6.79 -17.13
C ALA A 194 -19.15 -5.96 -16.07
N TRP A 195 -18.54 -4.86 -16.50
CA TRP A 195 -17.84 -3.94 -15.61
C TRP A 195 -18.39 -2.51 -15.79
N PRO A 196 -19.35 -2.12 -14.94
CA PRO A 196 -19.89 -0.76 -15.00
C PRO A 196 -18.96 0.29 -14.38
N CYS A 197 -18.67 1.35 -15.14
CA CYS A 197 -17.84 2.51 -14.71
C CYS A 197 -18.32 3.78 -15.43
N SER A 198 -17.64 4.90 -15.24
CA SER A 198 -17.89 6.08 -16.10
C SER A 198 -16.62 6.83 -16.45
N GLU A 199 -16.74 7.68 -17.47
CA GLU A 199 -15.62 8.52 -17.93
C GLU A 199 -15.34 9.67 -16.96
N THR A 200 -16.35 10.04 -16.17
CA THR A 200 -16.22 11.03 -15.10
C THR A 200 -15.79 10.35 -13.81
N LYS A 201 -14.60 10.68 -13.32
CA LYS A 201 -14.06 10.07 -12.10
C LYS A 201 -13.65 11.11 -11.05
N TYR A 202 -13.94 10.82 -9.78
CA TYR A 202 -13.50 11.64 -8.66
C TYR A 202 -13.21 10.69 -7.51
N ILE A 203 -12.09 10.90 -6.82
CA ILE A 203 -11.78 10.17 -5.59
C ILE A 203 -11.38 11.22 -4.54
N THR A 204 -12.29 11.50 -3.63
CA THR A 204 -12.22 12.71 -2.81
C THR A 204 -12.16 12.35 -1.34
N HIS A 205 -11.32 13.08 -0.60
CA HIS A 205 -11.12 12.88 0.83
C HIS A 205 -11.47 14.16 1.56
N PHE A 206 -12.26 14.04 2.63
CA PHE A 206 -12.64 15.16 3.48
C PHE A 206 -11.95 14.93 4.82
N PRO A 207 -10.73 15.47 4.97
CA PRO A 207 -9.92 15.12 6.13
C PRO A 207 -10.54 15.45 7.47
N GLU A 208 -11.26 16.57 7.57
CA GLU A 208 -11.78 17.06 8.87
C GLU A 208 -12.91 16.20 9.43
N THR A 209 -13.82 15.78 8.54
CA THR A 209 -14.92 14.86 8.88
C THR A 209 -14.61 13.36 8.67
N ARG A 210 -13.39 13.04 8.25
CA ARG A 210 -12.95 11.66 7.98
C ARG A 210 -13.81 10.94 6.95
N GLU A 211 -14.19 11.64 5.87
CA GLU A 211 -15.08 11.09 4.87
C GLU A 211 -14.38 10.92 3.54
N ILE A 212 -14.65 9.81 2.88
CA ILE A 212 -14.15 9.53 1.53
C ILE A 212 -15.36 9.47 0.61
N TRP A 213 -15.31 10.21 -0.49
CA TRP A 213 -16.31 10.11 -1.52
C TRP A 213 -15.63 9.69 -2.83
N SER A 214 -15.97 8.52 -3.36
CA SER A 214 -15.46 8.10 -4.66
C SER A 214 -16.59 7.95 -5.67
N TYR A 215 -16.31 8.24 -6.93
CA TYR A 215 -17.30 8.13 -8.00
C TYR A 215 -16.65 7.86 -9.34
N GLY A 216 -17.13 6.84 -10.04
CA GLY A 216 -16.80 6.66 -11.45
C GLY A 216 -16.02 5.42 -11.81
N SER A 217 -15.13 4.99 -10.92
CA SER A 217 -14.36 3.77 -11.11
C SER A 217 -14.83 2.71 -10.15
N GLY A 218 -14.69 1.45 -10.58
CA GLY A 218 -14.91 0.28 -9.72
C GLY A 218 -13.64 -0.51 -9.43
N TYR A 219 -12.48 0.08 -9.79
CA TYR A 219 -11.20 -0.61 -9.80
C TYR A 219 -10.33 -0.24 -8.60
N GLY A 220 -9.88 -1.25 -7.87
CA GLY A 220 -8.77 -1.09 -6.95
C GLY A 220 -8.92 0.01 -5.92
N GLY A 221 -7.86 0.79 -5.72
CA GLY A 221 -7.83 1.80 -4.68
C GLY A 221 -8.77 2.98 -4.90
N ASN A 222 -9.41 3.03 -6.07
CA ASN A 222 -10.48 3.98 -6.32
C ASN A 222 -11.74 3.53 -5.61
N ALA A 223 -11.97 2.22 -5.53
CA ALA A 223 -13.23 1.63 -5.03
C ALA A 223 -13.12 0.81 -3.74
N LEU A 224 -11.99 0.14 -3.51
CA LEU A 224 -11.72 -0.56 -2.25
C LEU A 224 -11.19 0.52 -1.33
N LEU A 225 -12.09 1.21 -0.65
CA LEU A 225 -11.75 2.45 0.03
C LEU A 225 -10.91 2.29 1.29
N GLY A 226 -10.82 1.07 1.81
CA GLY A 226 -9.86 0.76 2.87
C GLY A 226 -8.42 0.78 2.42
N LYS A 227 -8.18 0.41 1.16
CA LYS A 227 -6.84 0.12 0.63
C LYS A 227 -5.84 1.28 0.74
N LYS A 228 -6.20 2.41 0.13
CA LYS A 228 -5.35 3.60 0.10
C LYS A 228 -6.03 4.85 0.68
N CYS A 229 -7.32 4.99 0.44
CA CYS A 229 -8.08 6.16 0.89
C CYS A 229 -8.21 6.23 2.39
N TYR A 230 -8.48 5.10 3.02
CA TYR A 230 -8.59 5.05 4.47
C TYR A 230 -7.20 4.88 5.09
N SER A 231 -6.50 3.79 4.71
CA SER A 231 -5.28 3.36 5.38
C SER A 231 -4.11 4.35 5.35
N LEU A 232 -4.12 5.28 4.38
CA LEU A 232 -3.10 6.35 4.30
C LEU A 232 -3.68 7.76 4.31
N ARG A 233 -4.61 8.07 3.41
CA ARG A 233 -5.06 9.48 3.28
C ARG A 233 -5.84 9.99 4.50
N ILE A 234 -6.86 9.26 4.93
CA ILE A 234 -7.57 9.62 6.16
C ILE A 234 -6.70 9.33 7.39
N ALA A 235 -6.13 8.13 7.44
CA ALA A 235 -5.31 7.70 8.57
C ALA A 235 -4.10 8.59 8.85
N SER A 236 -3.51 9.19 7.81
CA SER A 236 -2.38 10.09 8.01
C SER A 236 -2.85 11.36 8.71
N ALA A 237 -4.02 11.87 8.33
CA ALA A 237 -4.68 12.98 9.04
C ALA A 237 -5.07 12.58 10.45
N MET A 238 -5.64 11.38 10.62
CA MET A 238 -5.93 10.86 11.96
C MET A 238 -4.66 10.75 12.79
N ALA A 239 -3.61 10.25 12.17
CA ALA A 239 -2.32 10.04 12.83
C ALA A 239 -1.69 11.35 13.31
N HIS A 240 -1.75 12.37 12.45
CA HIS A 240 -1.31 13.74 12.74
C HIS A 240 -1.98 14.32 13.99
N ASP A 241 -3.30 14.23 14.04
CA ASP A 241 -4.10 14.73 15.16
C ASP A 241 -3.97 13.90 16.43
N GLU A 242 -3.73 12.58 16.29
CA GLU A 242 -3.80 11.64 17.44
C GLU A 242 -2.45 11.19 18.05
N GLY A 243 -1.33 11.49 17.38
CA GLY A 243 0.01 11.22 17.90
C GLY A 243 0.66 9.92 17.44
N TRP A 244 0.36 9.49 16.22
CA TRP A 244 0.90 8.24 15.68
C TRP A 244 1.30 8.39 14.20
N LEU A 245 1.64 7.29 13.51
CA LEU A 245 2.07 7.34 12.10
C LEU A 245 1.31 6.36 11.21
N ALA A 246 0.81 6.83 10.06
CA ALA A 246 0.18 5.96 9.07
C ALA A 246 1.00 5.99 7.80
N GLU A 247 1.68 4.88 7.50
CA GLU A 247 2.79 4.89 6.53
C GLU A 247 2.71 3.82 5.44
N HIS A 248 3.29 4.15 4.29
CA HIS A 248 3.37 3.24 3.15
C HIS A 248 4.57 2.33 3.36
N MET A 249 4.41 1.37 4.27
CA MET A 249 5.53 0.53 4.71
C MET A 249 5.17 -0.96 4.78
N LEU A 250 6.06 -1.82 4.26
CA LEU A 250 6.02 -3.24 4.58
C LEU A 250 6.46 -3.46 6.02
N ILE A 251 6.05 -4.58 6.61
CA ILE A 251 6.42 -4.94 8.01
C ILE A 251 7.08 -6.31 8.02
N LEU A 252 8.42 -6.32 8.12
CA LEU A 252 9.21 -7.55 8.03
C LEU A 252 9.65 -8.01 9.42
N LYS A 253 9.54 -9.30 9.66
CA LYS A 253 10.04 -9.91 10.90
C LYS A 253 11.20 -10.79 10.50
N LEU A 254 12.40 -10.37 10.90
CA LEU A 254 13.62 -11.08 10.59
C LEU A 254 14.09 -11.84 11.84
N ILE A 255 14.40 -13.12 11.65
CA ILE A 255 14.74 -14.03 12.76
C ILE A 255 16.16 -14.56 12.60
N SER A 256 17.02 -14.22 13.56
CA SER A 256 18.44 -14.61 13.53
C SER A 256 18.63 -16.11 13.80
N PRO A 257 19.86 -16.64 13.56
CA PRO A 257 20.16 -18.04 13.95
C PRO A 257 20.08 -18.32 15.44
N GLU A 258 20.23 -17.28 16.26
CA GLU A 258 20.07 -17.38 17.71
C GLU A 258 18.60 -17.38 18.13
N ASN A 259 17.69 -17.25 17.16
CA ASN A 259 16.24 -17.21 17.38
C ASN A 259 15.79 -15.90 18.08
N LYS A 260 16.36 -14.76 17.65
CA LYS A 260 15.90 -13.43 18.07
C LYS A 260 15.16 -12.76 16.93
N ALA A 261 14.06 -12.07 17.25
CA ALA A 261 13.17 -11.46 16.27
C ALA A 261 13.42 -9.97 16.20
N TYR A 262 13.72 -9.48 15.01
CA TYR A 262 13.90 -8.05 14.72
C TYR A 262 12.83 -7.61 13.72
N TYR A 263 11.98 -6.66 14.10
CA TYR A 263 10.91 -6.18 13.21
C TYR A 263 11.32 -4.88 12.51
N PHE A 264 11.11 -4.84 11.19
CA PHE A 264 11.49 -3.69 10.37
C PHE A 264 10.29 -3.14 9.63
N ALA A 265 10.26 -1.82 9.47
CA ALA A 265 9.27 -1.13 8.63
C ALA A 265 10.02 -0.49 7.47
N ALA A 266 9.52 -0.64 6.26
CA ALA A 266 10.28 -0.14 5.09
C ALA A 266 9.36 0.46 4.06
N ALA A 267 9.68 1.69 3.68
CA ALA A 267 8.87 2.46 2.75
C ALA A 267 9.65 2.59 1.46
N PHE A 268 9.18 1.89 0.42
CA PHE A 268 9.65 2.08 -0.93
C PHE A 268 8.46 2.45 -1.82
N PRO A 269 8.69 3.31 -2.85
CA PRO A 269 7.66 3.51 -3.87
C PRO A 269 7.36 2.22 -4.62
N SER A 270 6.15 2.08 -5.13
CA SER A 270 5.83 0.85 -5.87
C SER A 270 6.78 0.74 -7.09
N ALA A 271 7.08 -0.50 -7.45
CA ALA A 271 8.14 -0.86 -8.39
C ALA A 271 9.57 -0.63 -7.87
N SER A 272 9.73 -0.41 -6.56
CA SER A 272 11.06 -0.31 -5.90
C SER A 272 11.38 -1.44 -4.91
N GLY A 273 10.45 -2.37 -4.70
CA GLY A 273 10.76 -3.64 -4.06
C GLY A 273 10.16 -3.97 -2.70
N LYS A 274 9.00 -3.42 -2.37
CA LYS A 274 8.32 -3.74 -1.10
C LYS A 274 7.96 -5.22 -0.96
N THR A 275 7.20 -5.72 -1.93
CA THR A 275 6.70 -7.10 -1.91
C THR A 275 7.85 -8.12 -1.78
N ASN A 276 8.92 -7.94 -2.55
CA ASN A 276 10.08 -8.82 -2.47
C ASN A 276 10.77 -8.83 -1.10
N LEU A 277 11.04 -7.65 -0.54
CA LEU A 277 11.65 -7.58 0.80
C LEU A 277 10.75 -8.16 1.89
N ALA A 278 9.46 -7.83 1.82
CA ALA A 278 8.47 -8.33 2.78
C ALA A 278 8.42 -9.84 2.83
N MET A 279 8.63 -10.50 1.68
CA MET A 279 8.62 -11.97 1.59
C MET A 279 9.99 -12.53 1.28
N LEU A 280 10.99 -11.91 1.90
CA LEU A 280 12.38 -12.28 1.75
C LEU A 280 12.62 -13.71 2.21
N GLN A 281 13.43 -14.43 1.43
CA GLN A 281 14.04 -15.70 1.84
C GLN A 281 15.52 -15.48 2.02
N PRO A 282 15.97 -15.32 3.27
CA PRO A 282 17.40 -15.10 3.53
C PRO A 282 18.32 -16.15 2.92
N THR A 283 19.51 -15.71 2.52
CA THR A 283 20.51 -16.55 1.90
C THR A 283 21.66 -16.91 2.87
N ILE A 284 21.64 -16.32 4.07
CA ILE A 284 22.63 -16.65 5.09
C ILE A 284 22.09 -17.76 5.98
N PRO A 285 22.88 -18.84 6.20
CA PRO A 285 22.44 -19.97 7.06
C PRO A 285 21.88 -19.54 8.41
N GLY A 286 20.78 -20.16 8.80
CA GLY A 286 20.15 -19.89 10.08
C GLY A 286 19.32 -18.64 10.17
N TRP A 287 19.30 -17.82 9.11
CA TRP A 287 18.39 -16.67 9.07
C TRP A 287 17.10 -17.10 8.38
N ARG A 288 15.97 -16.77 9.00
CA ARG A 288 14.69 -16.88 8.33
C ARG A 288 13.84 -15.63 8.57
N ALA A 289 12.76 -15.51 7.80
CA ALA A 289 11.94 -14.29 7.79
C ALA A 289 10.48 -14.62 7.65
N GLU A 290 9.67 -13.87 8.40
CA GLU A 290 8.23 -13.90 8.32
C GLU A 290 7.75 -12.49 8.00
N THR A 291 6.53 -12.38 7.49
CA THR A 291 5.99 -11.10 7.05
C THR A 291 4.75 -10.73 7.83
N LEU A 292 4.56 -9.44 8.07
CA LEU A 292 3.31 -8.91 8.64
C LEU A 292 2.53 -7.99 7.67
N GLY A 293 3.10 -7.71 6.50
CA GLY A 293 2.47 -6.81 5.53
C GLY A 293 3.41 -6.34 4.45
N ASP A 294 2.88 -5.99 3.29
CA ASP A 294 3.73 -5.51 2.18
C ASP A 294 3.25 -4.20 1.57
N ASP A 295 2.52 -3.40 2.35
CA ASP A 295 1.99 -2.12 1.86
C ASP A 295 1.80 -1.04 2.91
N ILE A 296 1.12 -1.32 4.02
CA ILE A 296 0.72 -0.27 4.99
C ILE A 296 1.12 -0.61 6.42
N ALA A 297 1.71 0.36 7.12
CA ALA A 297 2.05 0.18 8.51
C ALA A 297 1.43 1.31 9.35
N TRP A 298 0.72 0.92 10.40
CA TRP A 298 0.20 1.88 11.38
C TRP A 298 1.00 1.71 12.65
N MET A 299 1.69 2.78 13.03
CA MET A 299 2.69 2.71 14.07
C MET A 299 2.39 3.73 15.16
N ARG A 300 2.42 3.25 16.40
CA ARG A 300 2.19 4.08 17.57
C ARG A 300 3.15 3.70 18.70
N PHE A 301 3.47 4.68 19.55
CA PHE A 301 4.27 4.40 20.75
C PHE A 301 3.44 3.70 21.81
N GLY A 302 3.99 2.63 22.40
CA GLY A 302 3.35 1.96 23.54
C GLY A 302 3.84 2.58 24.83
N LYS A 303 3.99 1.78 25.88
CA LYS A 303 4.67 2.23 27.12
C LYS A 303 6.22 2.40 26.99
N ASP A 304 6.76 2.47 25.76
CA ASP A 304 8.21 2.59 25.50
C ASP A 304 8.55 2.83 23.98
N GLY A 305 8.55 1.75 23.17
CA GLY A 305 9.04 1.77 21.79
C GLY A 305 7.90 2.00 20.80
N LEU A 307 8.22 1.89 19.51
CA LEU A 307 7.26 2.12 18.43
C LEU A 307 6.71 0.80 17.92
N TYR A 308 5.38 0.64 17.98
CA TYR A 308 4.69 -0.62 17.66
C TYR A 308 3.87 -0.57 16.36
N ALA A 309 4.21 -1.46 15.41
CA ALA A 309 3.54 -1.53 14.08
C ALA A 309 2.44 -2.57 14.00
N VAL A 310 1.34 -2.20 13.37
CA VAL A 310 0.30 -3.15 12.94
C VAL A 310 -0.04 -2.94 11.47
N ASN A 311 -0.46 -4.03 10.83
CA ASN A 311 -0.97 -3.95 9.46
C ASN A 311 -2.46 -3.69 9.57
N PRO A 312 -2.93 -2.56 9.02
CA PRO A 312 -4.36 -2.30 9.07
C PRO A 312 -5.17 -3.25 8.20
N GLU A 313 -4.56 -3.78 7.14
CA GLU A 313 -5.28 -4.59 6.17
C GLU A 313 -5.44 -6.03 6.61
N PHE A 314 -6.32 -6.73 5.90
CA PHE A 314 -6.61 -8.15 6.15
C PHE A 314 -6.26 -9.03 4.93
N GLY A 315 -5.75 -8.43 3.85
CA GLY A 315 -5.50 -9.13 2.59
C GLY A 315 -4.36 -8.55 1.74
N PHE A 316 -3.96 -9.29 0.72
CA PHE A 316 -2.96 -8.84 -0.24
C PHE A 316 -3.66 -8.48 -1.53
N PHE A 317 -3.31 -7.31 -2.07
CA PHE A 317 -3.83 -6.86 -3.37
C PHE A 317 -2.61 -6.72 -4.27
N GLY A 318 -2.04 -7.86 -4.63
CA GLY A 318 -0.74 -7.90 -5.26
C GLY A 318 -0.76 -7.72 -6.75
N VAL A 319 0.38 -7.33 -7.29
CA VAL A 319 0.54 -7.23 -8.74
C VAL A 319 0.89 -8.62 -9.26
N ALA A 320 0.16 -9.05 -10.28
CA ALA A 320 0.32 -10.42 -10.76
C ALA A 320 1.52 -10.57 -11.69
N PRO A 321 1.57 -9.76 -12.77
CA PRO A 321 2.68 -9.96 -13.69
C PRO A 321 4.03 -9.87 -12.98
N GLY A 322 4.92 -10.81 -13.31
CA GLY A 322 6.21 -10.93 -12.67
C GLY A 322 6.23 -11.89 -11.49
N THR A 323 5.07 -12.29 -10.98
CA THR A 323 4.97 -13.20 -9.83
C THR A 323 5.17 -14.64 -10.33
N ASN A 324 6.03 -15.40 -9.63
CA ASN A 324 6.22 -16.82 -9.96
C ASN A 324 6.99 -17.62 -8.88
N TRP A 325 7.01 -18.94 -9.06
CA TRP A 325 7.70 -19.83 -8.12
C TRP A 325 9.20 -19.52 -7.87
N LYS A 326 9.90 -18.96 -8.84
CA LYS A 326 11.30 -18.56 -8.62
C LYS A 326 11.34 -17.24 -7.84
N SER A 327 10.66 -16.22 -8.36
CA SER A 327 10.61 -14.86 -7.79
C SER A 327 10.02 -14.75 -6.39
N ASN A 328 8.82 -15.28 -6.22
CA ASN A 328 8.09 -15.18 -4.97
C ASN A 328 7.27 -16.45 -4.75
N PRO A 329 7.94 -17.54 -4.33
CA PRO A 329 7.19 -18.77 -4.07
C PRO A 329 6.13 -18.61 -2.97
N ASN A 330 6.41 -17.80 -1.96
CA ASN A 330 5.48 -17.60 -0.85
C ASN A 330 4.18 -16.89 -1.27
N ALA A 331 4.28 -15.91 -2.18
CA ALA A 331 3.10 -15.33 -2.82
C ALA A 331 2.32 -16.40 -3.55
N MET A 332 3.02 -17.19 -4.36
CA MET A 332 2.40 -18.30 -5.12
C MET A 332 1.62 -19.27 -4.24
N ARG A 333 2.17 -19.65 -3.09
CA ARG A 333 1.52 -20.57 -2.15
C ARG A 333 0.30 -19.94 -1.48
N THR A 334 0.36 -18.64 -1.22
CA THR A 334 -0.79 -17.90 -0.68
C THR A 334 -2.00 -18.03 -1.60
N ILE A 335 -1.71 -17.85 -2.89
CA ILE A 335 -2.72 -17.87 -3.96
C ILE A 335 -3.19 -19.29 -4.27
N ALA A 336 -2.28 -20.25 -4.20
CA ALA A 336 -2.60 -21.66 -4.47
C ALA A 336 -3.64 -22.24 -3.50
N ALA A 337 -3.73 -21.69 -2.30
CA ALA A 337 -4.77 -22.12 -1.34
C ALA A 337 -6.17 -21.64 -1.75
N GLY A 338 -6.26 -20.79 -2.76
CA GLY A 338 -7.54 -20.41 -3.38
C GLY A 338 -8.17 -19.23 -2.68
N ASN A 339 -9.49 -19.12 -2.78
CA ASN A 339 -10.24 -18.00 -2.20
C ASN A 339 -9.81 -16.64 -2.76
N THR A 340 -9.40 -16.64 -4.03
CA THR A 340 -8.68 -15.53 -4.65
C THR A 340 -9.44 -14.99 -5.86
N VAL A 341 -9.53 -13.66 -5.94
CA VAL A 341 -10.12 -12.99 -7.10
C VAL A 341 -8.98 -12.35 -7.89
N PHE A 342 -8.77 -12.82 -9.11
CA PHE A 342 -7.78 -12.26 -10.04
C PHE A 342 -8.47 -11.24 -10.92
N THR A 343 -7.81 -10.12 -11.18
CA THR A 343 -8.41 -9.03 -11.96
C THR A 343 -7.49 -8.68 -13.13
N ASN A 344 -8.00 -8.80 -14.37
CA ASN A 344 -7.26 -8.53 -15.62
C ASN A 344 -6.03 -9.42 -15.92
N VAL A 345 -6.04 -10.65 -15.42
CA VAL A 345 -5.07 -11.68 -15.87
C VAL A 345 -5.63 -12.43 -17.08
N ALA A 346 -4.87 -13.37 -17.62
CA ALA A 346 -5.31 -14.15 -18.78
C ALA A 346 -5.91 -15.47 -18.35
N LEU A 347 -6.77 -16.01 -19.21
CA LEU A 347 -7.42 -17.30 -18.98
C LEU A 347 -6.80 -18.36 -19.89
N THR A 348 -6.36 -19.46 -19.28
CA THR A 348 -5.75 -20.57 -20.03
C THR A 348 -6.80 -21.49 -20.64
N ASP A 349 -6.37 -22.28 -21.62
CA ASP A 349 -7.21 -23.29 -22.25
C ASP A 349 -7.82 -24.32 -21.30
N ASP A 350 -7.13 -24.61 -20.20
CA ASP A 350 -7.63 -25.51 -19.15
C ASP A 350 -8.41 -24.78 -18.00
N GLY A 351 -8.76 -23.51 -18.21
CA GLY A 351 -9.54 -22.75 -17.22
C GLY A 351 -8.78 -22.28 -15.99
N ASP A 352 -7.50 -21.97 -16.17
CA ASP A 352 -6.60 -21.52 -15.11
C ASP A 352 -6.24 -20.07 -15.42
N VAL A 353 -5.36 -19.48 -14.62
CA VAL A 353 -4.92 -18.12 -14.84
C VAL A 353 -3.45 -18.10 -15.26
N TRP A 354 -3.09 -17.16 -16.12
CA TRP A 354 -1.69 -16.94 -16.51
C TRP A 354 -1.40 -15.45 -16.62
N TRP A 355 -0.14 -15.08 -16.48
CA TRP A 355 0.28 -13.70 -16.65
C TRP A 355 1.75 -13.67 -16.98
N GLU A 356 2.19 -12.61 -17.65
CA GLU A 356 3.57 -12.51 -18.08
C GLU A 356 4.48 -12.60 -16.84
N GLY A 357 5.51 -13.45 -16.94
CA GLY A 357 6.41 -13.75 -15.82
C GLY A 357 6.14 -15.11 -15.22
N LEU A 358 4.89 -15.58 -15.29
CA LEU A 358 4.50 -16.88 -14.73
C LEU A 358 5.11 -18.04 -15.53
N GLU A 359 5.35 -19.14 -14.82
CA GLU A 359 5.90 -20.35 -15.41
C GLU A 359 5.14 -20.78 -16.67
N GLY A 360 5.87 -21.39 -17.61
CA GLY A 360 5.27 -21.95 -18.81
C GLY A 360 5.14 -20.96 -19.94
N ASP A 361 4.83 -21.52 -21.11
CA ASP A 361 4.62 -20.75 -22.33
C ASP A 361 3.35 -21.24 -23.00
N PRO A 362 2.18 -20.97 -22.37
CA PRO A 362 0.90 -21.31 -23.01
C PRO A 362 0.83 -20.70 -24.40
N GLN A 363 0.57 -21.53 -25.41
CA GLN A 363 0.56 -21.09 -26.82
C GLN A 363 -0.66 -20.25 -27.16
N HIS A 364 -1.81 -20.60 -26.58
CA HIS A 364 -3.03 -19.81 -26.69
C HIS A 364 -3.53 -19.38 -25.32
N LEU A 365 -4.10 -18.19 -25.27
CA LEU A 365 -4.77 -17.68 -24.08
C LEU A 365 -5.96 -16.84 -24.50
N ILE A 366 -6.87 -16.62 -23.56
CA ILE A 366 -7.87 -15.60 -23.70
C ILE A 366 -7.41 -14.45 -22.81
N ASP A 367 -7.09 -13.32 -23.45
CA ASP A 367 -6.50 -12.16 -22.78
C ASP A 367 -7.49 -11.40 -21.88
N TRP A 368 -7.03 -10.32 -21.25
CA TRP A 368 -7.83 -9.56 -20.27
C TRP A 368 -8.97 -8.72 -20.86
N LYS A 369 -8.96 -8.53 -22.19
CA LYS A 369 -10.10 -7.99 -22.95
C LYS A 369 -11.04 -9.08 -23.56
N GLY A 370 -10.84 -10.35 -23.22
CA GLY A 370 -11.66 -11.44 -23.76
C GLY A 370 -11.31 -11.94 -25.16
N ASN A 371 -10.23 -11.43 -25.75
CA ASN A 371 -9.81 -11.81 -27.10
C ASN A 371 -8.78 -12.96 -27.14
N ASP A 372 -8.73 -13.66 -28.29
CA ASP A 372 -7.73 -14.70 -28.51
C ASP A 372 -6.32 -14.11 -28.57
N TRP A 373 -5.42 -14.65 -27.75
CA TRP A 373 -4.01 -14.25 -27.67
C TRP A 373 -3.14 -15.41 -28.20
N TYR A 374 -2.03 -15.08 -28.88
CA TYR A 374 -1.16 -16.10 -29.50
C TYR A 374 0.33 -15.83 -29.31
N PHE A 375 1.04 -16.85 -28.83
CA PHE A 375 2.49 -16.85 -28.65
C PHE A 375 3.23 -16.34 -29.90
N ARG A 376 4.16 -15.42 -29.70
CA ARG A 376 5.00 -14.84 -30.77
C ARG A 376 4.25 -14.18 -31.92
N GLU A 377 3.08 -13.62 -31.62
CA GLU A 377 2.22 -12.99 -32.65
C GLU A 377 1.46 -11.79 -32.09
N THR A 378 0.59 -12.02 -31.10
CA THR A 378 -0.23 -10.96 -30.47
C THR A 378 0.68 -9.94 -29.81
N GLU A 379 0.53 -8.69 -30.21
CA GLU A 379 1.45 -7.60 -29.86
C GLU A 379 1.17 -6.94 -28.50
N THR A 380 0.07 -7.33 -27.88
CA THR A 380 -0.36 -6.86 -26.58
C THR A 380 -0.11 -7.90 -25.51
N ASN A 381 0.03 -7.47 -24.26
CA ASN A 381 0.19 -8.40 -23.14
C ASN A 381 -1.10 -9.17 -22.93
N ALA A 382 -0.98 -10.45 -22.56
CA ALA A 382 -2.14 -11.31 -22.28
C ALA A 382 -2.82 -10.90 -20.98
N ALA A 383 -2.03 -10.72 -19.93
CA ALA A 383 -2.50 -10.14 -18.68
C ALA A 383 -2.19 -8.66 -18.71
N HIS A 384 -3.00 -7.87 -18.01
CA HIS A 384 -2.74 -6.43 -17.94
C HIS A 384 -1.46 -6.26 -17.13
N PRO A 385 -0.59 -5.31 -17.51
CA PRO A 385 0.69 -5.19 -16.81
C PRO A 385 0.60 -4.81 -15.31
N ASN A 386 -0.50 -4.17 -14.92
CA ASN A 386 -0.83 -3.89 -13.53
C ASN A 386 -2.02 -4.74 -13.02
N SER A 387 -2.19 -5.94 -13.59
CA SER A 387 -3.28 -6.84 -13.15
C SER A 387 -3.04 -7.30 -11.72
N ARG A 388 -4.08 -7.83 -11.09
CA ARG A 388 -4.08 -7.99 -9.63
C ARG A 388 -4.51 -9.36 -9.16
N TYR A 389 -4.03 -9.71 -7.97
CA TYR A 389 -4.62 -10.81 -7.24
C TYR A 389 -5.02 -10.31 -5.86
N CYS A 390 -6.19 -10.75 -5.42
CA CYS A 390 -6.76 -10.35 -4.14
C CYS A 390 -6.98 -11.61 -3.28
N THR A 391 -6.12 -11.82 -2.28
CA THR A 391 -6.06 -13.08 -1.52
C THR A 391 -5.96 -12.82 -0.04
N PRO A 392 -6.54 -13.68 0.81
CA PRO A 392 -6.43 -13.51 2.28
C PRO A 392 -5.00 -13.51 2.79
N MET A 393 -4.72 -12.68 3.80
CA MET A 393 -3.39 -12.66 4.43
C MET A 393 -3.10 -13.99 5.10
N SER A 394 -4.10 -14.53 5.80
CA SER A 394 -3.98 -15.77 6.56
C SER A 394 -3.60 -17.03 5.75
N GLN A 395 -3.75 -17.00 4.44
CA GLN A 395 -3.25 -18.09 3.57
C GLN A 395 -1.75 -18.08 3.29
N CYS A 396 -1.05 -17.00 3.66
CA CYS A 396 0.39 -16.87 3.41
C CYS A 396 1.22 -17.74 4.36
N PRO A 397 1.97 -18.73 3.81
CA PRO A 397 2.69 -19.69 4.66
C PRO A 397 3.77 -19.08 5.57
N ILE A 398 4.31 -17.92 5.19
CA ILE A 398 5.33 -17.22 6.02
C ILE A 398 4.75 -16.04 6.82
N LEU A 399 3.44 -15.97 6.96
CA LEU A 399 2.82 -14.92 7.78
C LEU A 399 3.26 -15.14 9.21
N ALA A 400 3.78 -14.09 9.84
CA ALA A 400 4.25 -14.21 11.21
C ALA A 400 3.06 -14.40 12.13
N PRO A 401 3.23 -15.17 13.23
CA PRO A 401 2.13 -15.39 14.18
C PRO A 401 1.57 -14.12 14.85
N GLU A 402 2.38 -13.05 14.93
CA GLU A 402 1.92 -11.81 15.56
C GLU A 402 0.95 -10.98 14.70
N TRP A 403 0.67 -11.40 13.46
CA TRP A 403 -0.10 -10.59 12.49
C TRP A 403 -1.44 -10.04 13.00
N ASP A 404 -2.15 -10.81 13.82
CA ASP A 404 -3.47 -10.40 14.30
C ASP A 404 -3.44 -9.89 15.75
N ASP A 405 -2.24 -9.56 16.23
CA ASP A 405 -2.04 -9.03 17.58
C ASP A 405 -2.31 -7.52 17.55
N PRO A 406 -3.33 -7.05 18.29
CA PRO A 406 -3.61 -5.61 18.27
C PRO A 406 -2.53 -4.76 18.94
N GLN A 407 -1.69 -5.36 19.78
CA GLN A 407 -0.53 -4.65 20.38
C GLN A 407 0.55 -4.25 19.38
N GLY A 408 0.66 -4.99 18.29
CA GLY A 408 1.64 -4.69 17.25
C GLY A 408 2.95 -5.37 17.55
N VAL A 409 4.01 -4.87 16.93
CA VAL A 409 5.35 -5.43 17.11
C VAL A 409 6.34 -4.29 17.22
N PRO A 410 7.35 -4.43 18.09
CA PRO A 410 8.32 -3.35 18.26
C PRO A 410 9.23 -3.23 17.04
N ILE A 411 9.35 -2.02 16.51
CA ILE A 411 10.16 -1.78 15.33
C ILE A 411 11.60 -1.42 15.74
N SER A 412 12.53 -2.23 15.26
CA SER A 412 13.96 -1.98 15.45
C SER A 412 14.50 -0.97 14.44
N GLY A 413 14.06 -1.07 13.19
CA GLY A 413 14.59 -0.25 12.09
C GLY A 413 13.58 0.22 11.07
N ILE A 414 13.70 1.46 10.61
CA ILE A 414 12.86 1.98 9.55
C ILE A 414 13.74 2.17 8.33
N LEU A 415 13.29 1.70 7.18
CA LEU A 415 14.08 1.76 5.96
C LEU A 415 13.36 2.59 4.90
N PHE A 416 14.10 3.50 4.29
CA PHE A 416 13.66 4.27 3.14
C PHE A 416 14.54 3.94 1.96
N GLY A 417 13.96 3.93 0.76
CA GLY A 417 14.72 3.68 -0.45
C GLY A 417 13.90 3.73 -1.72
N GLY A 418 14.59 3.70 -2.85
CA GLY A 418 14.01 3.70 -4.19
C GLY A 418 15.03 3.31 -5.24
N ARG A 419 14.67 3.44 -6.52
CA ARG A 419 15.58 3.10 -7.62
C ARG A 419 16.51 4.27 -8.00
N ARG A 420 17.79 4.12 -7.67
CA ARG A 420 18.82 5.09 -8.05
C ARG A 420 19.98 4.33 -8.70
N LYS A 421 20.28 4.68 -9.95
CA LYS A 421 21.38 4.07 -10.74
C LYS A 421 22.76 4.55 -10.25
N THR A 422 22.79 5.71 -9.57
CA THR A 422 24.03 6.31 -9.08
C THR A 422 23.84 6.92 -7.69
N THR A 423 24.92 7.45 -7.14
CA THR A 423 24.89 8.40 -6.00
C THR A 423 24.60 7.77 -4.63
N VAL A 424 23.48 7.07 -4.50
CA VAL A 424 23.03 6.51 -3.21
C VAL A 424 23.70 5.16 -2.90
N PRO A 425 24.33 5.02 -1.72
CA PRO A 425 24.96 3.73 -1.40
C PRO A 425 23.97 2.58 -1.16
N LEU A 426 24.52 1.37 -1.07
CA LEU A 426 23.70 0.18 -0.81
C LEU A 426 22.95 0.34 0.49
N VAL A 427 23.64 0.80 1.52
CA VAL A 427 23.03 1.04 2.81
C VAL A 427 23.76 2.16 3.53
N THR A 428 22.99 2.93 4.30
CA THR A 428 23.50 4.05 5.08
C THR A 428 22.64 4.10 6.34
N GLU A 429 23.26 4.30 7.49
CA GLU A 429 22.50 4.53 8.73
C GLU A 429 22.40 6.03 8.95
N ALA A 430 21.24 6.50 9.38
CA ALA A 430 21.09 7.94 9.76
C ALA A 430 21.92 8.25 10.98
N ARG A 431 22.25 9.52 11.15
CA ARG A 431 23.09 9.99 12.23
C ARG A 431 22.28 9.99 13.50
N ASP A 432 21.06 10.53 13.41
CA ASP A 432 20.09 10.53 14.51
C ASP A 432 18.67 10.50 13.91
N TRP A 433 17.65 10.89 14.68
CA TRP A 433 16.26 10.88 14.20
C TRP A 433 15.97 11.93 13.14
N GLN A 434 16.35 13.16 13.44
CA GLN A 434 16.06 14.29 12.56
C GLN A 434 16.73 14.15 11.18
N HIS A 435 17.93 13.61 11.14
CA HIS A 435 18.56 13.25 9.88
C HIS A 435 17.78 12.09 9.22
N GLY A 436 17.29 11.17 10.03
CA GLY A 436 16.36 10.12 9.58
C GLY A 436 15.13 10.64 8.87
N VAL A 437 14.48 11.64 9.46
CA VAL A 437 13.35 12.31 8.81
C VAL A 437 13.80 12.94 7.47
N PHE A 438 14.97 13.58 7.45
CA PHE A 438 15.51 14.24 6.26
C PHE A 438 15.83 13.26 5.12
N ILE A 439 16.45 12.14 5.48
CA ILE A 439 16.69 11.05 4.55
C ILE A 439 15.40 10.59 3.89
N GLY A 440 14.38 10.33 4.70
CA GLY A 440 13.08 9.93 4.21
C GLY A 440 12.45 11.03 3.38
N ALA A 441 12.55 12.26 3.88
CA ALA A 441 11.91 13.42 3.25
C ALA A 441 12.43 13.71 1.87
N THR A 442 13.67 13.33 1.59
CA THR A 442 14.32 13.60 0.31
C THR A 442 14.49 12.33 -0.54
N LEU A 443 13.68 11.30 -0.26
CA LEU A 443 13.77 10.03 -0.95
C LEU A 443 13.47 10.25 -2.44
N GLY A 444 14.39 9.80 -3.29
CA GLY A 444 14.27 9.97 -4.72
C GLY A 444 14.23 8.62 -5.39
N SER A 445 13.56 8.55 -6.53
CA SER A 445 13.64 7.38 -7.42
C SER A 445 13.45 7.75 -8.89
N GLU A 446 14.02 6.93 -9.78
CA GLU A 446 14.02 7.18 -11.23
C GLU A 446 12.88 6.42 -11.92
N ASN A 457 14.48 13.98 -14.03
CA ASN A 457 14.74 12.54 -14.12
C ASN A 457 14.59 11.77 -12.79
N VAL A 458 14.98 12.40 -11.69
CA VAL A 458 14.85 11.79 -10.38
C VAL A 458 13.68 12.42 -9.62
N ARG A 459 12.64 11.63 -9.37
CA ARG A 459 11.42 12.10 -8.70
C ARG A 459 11.48 11.91 -7.19
N ARG A 460 11.16 12.96 -6.46
CA ARG A 460 11.15 12.91 -5.01
C ARG A 460 9.83 12.32 -4.60
N ASP A 461 9.88 11.28 -3.76
CA ASP A 461 8.69 10.58 -3.27
C ASP A 461 8.87 10.37 -1.76
N PRO A 462 8.55 11.41 -0.97
CA PRO A 462 8.93 11.46 0.45
C PRO A 462 8.28 10.37 1.28
N MET A 463 9.08 9.54 1.96
CA MET A 463 8.56 8.37 2.69
C MET A 463 7.69 7.48 1.81
N ALA A 464 7.93 7.50 0.50
CA ALA A 464 7.07 6.82 -0.47
C ALA A 464 5.59 7.15 -0.29
N MET A 465 5.30 8.42 0.03
CA MET A 465 3.95 8.89 0.35
C MET A 465 3.42 9.97 -0.58
N LEU A 466 4.13 10.29 -1.67
CA LEU A 466 3.73 11.41 -2.56
C LEU A 466 2.28 11.35 -3.03
N PRO A 467 1.79 10.17 -3.46
CA PRO A 467 0.36 10.16 -3.82
C PRO A 467 -0.64 9.93 -2.65
N PHE A 468 -0.17 9.78 -1.42
CA PHE A 468 -1.03 9.29 -0.33
C PHE A 468 -1.15 10.19 0.92
N LEU A 469 -0.53 11.37 0.93
CA LEU A 469 -0.62 12.22 2.12
C LEU A 469 -2.00 12.85 2.25
N GLY A 470 -2.56 12.75 3.44
CA GLY A 470 -3.83 13.38 3.77
C GLY A 470 -3.77 14.85 4.13
N TYR A 471 -2.57 15.42 4.21
CA TYR A 471 -2.40 16.84 4.54
C TYR A 471 -1.05 17.36 4.06
N ASN A 472 -0.75 18.63 4.36
CA ASN A 472 0.48 19.31 3.89
C ASN A 472 1.74 18.51 4.17
N VAL A 473 2.47 18.22 3.09
CA VAL A 473 3.72 17.47 3.14
C VAL A 473 4.73 18.04 4.12
N GLY A 474 4.79 19.37 4.19
CA GLY A 474 5.66 20.08 5.14
C GLY A 474 5.29 19.81 6.59
N ASP A 475 3.98 19.83 6.87
CA ASP A 475 3.44 19.51 8.20
C ASP A 475 3.63 18.05 8.58
N TYR A 476 3.65 17.18 7.57
CA TYR A 476 3.92 15.73 7.75
C TYR A 476 5.34 15.49 8.28
N PHE A 477 6.30 16.19 7.70
CA PHE A 477 7.69 16.14 8.18
C PHE A 477 7.79 16.68 9.61
N GLN A 478 7.10 17.78 9.87
CA GLN A 478 7.04 18.36 11.21
C GLN A 478 6.53 17.31 12.18
N HIS A 479 5.48 16.60 11.76
CA HIS A 479 4.90 15.56 12.60
C HIS A 479 5.91 14.46 12.91
N TRP A 480 6.66 14.03 11.89
CA TRP A 480 7.72 13.04 12.07
C TRP A 480 8.81 13.51 13.05
N ILE A 481 9.23 14.76 12.94
CA ILE A 481 10.21 15.34 13.88
C ILE A 481 9.69 15.36 15.33
N ASN A 482 8.45 15.84 15.50
CA ASN A 482 7.83 16.04 16.82
C ASN A 482 7.72 14.77 17.65
N LEU A 483 7.45 13.65 16.98
CA LEU A 483 7.38 12.37 17.65
C LEU A 483 8.73 11.93 18.18
N GLY A 484 9.79 12.18 17.41
CA GLY A 484 11.14 11.94 17.89
C GLY A 484 11.54 12.82 19.06
N LYS A 485 11.46 14.15 18.87
CA LYS A 485 11.74 15.16 19.92
C LYS A 485 11.15 14.75 21.27
N HIS A 486 9.90 14.28 21.25
CA HIS A 486 9.15 13.97 22.45
C HIS A 486 9.22 12.47 22.81
N ALA A 487 10.41 11.86 22.71
CA ALA A 487 10.57 10.41 22.96
C ALA A 487 11.97 10.05 23.46
N ASP A 488 12.09 8.85 24.04
CA ASP A 488 13.36 8.30 24.50
C ASP A 488 14.14 7.82 23.28
N GLU A 489 15.15 8.59 22.87
CA GLU A 489 15.99 8.25 21.71
C GLU A 489 16.58 6.84 21.75
N SER A 490 16.82 6.33 22.96
CA SER A 490 17.29 4.95 23.15
C SER A 490 16.30 3.90 22.63
N LYS A 491 15.00 4.19 22.70
CA LYS A 491 13.94 3.24 22.29
C LYS A 491 13.37 3.48 20.85
N LEU A 492 13.71 4.61 20.23
CA LEU A 492 13.34 4.87 18.83
C LEU A 492 14.03 3.91 17.86
N PRO A 493 13.35 3.56 16.75
CA PRO A 493 14.03 2.76 15.75
C PRO A 493 15.14 3.56 15.07
N LYS A 494 16.17 2.87 14.61
CA LYS A 494 17.23 3.48 13.84
C LYS A 494 16.69 3.62 12.44
N VAL A 495 17.11 4.65 11.72
CA VAL A 495 16.69 4.85 10.34
C VAL A 495 17.82 4.51 9.39
N PHE A 496 17.48 3.86 8.28
CA PHE A 496 18.46 3.46 7.28
C PHE A 496 17.96 3.83 5.90
N PHE A 497 18.89 4.11 4.99
CA PHE A 497 18.55 4.37 3.59
C PHE A 497 19.24 3.33 2.74
N VAL A 498 18.45 2.60 1.97
CA VAL A 498 18.97 1.55 1.12
C VAL A 498 18.81 1.90 -0.36
N ASN A 499 19.54 1.17 -1.19
CA ASN A 499 19.45 1.29 -2.66
C ASN A 499 19.92 -0.03 -3.27
N TRP A 500 18.95 -0.81 -3.71
CA TRP A 500 19.25 -2.08 -4.33
C TRP A 500 19.73 -1.94 -5.79
N PHE A 501 19.57 -0.77 -6.40
CA PHE A 501 19.55 -0.62 -7.87
C PHE A 501 20.70 0.21 -8.45
N ARG A 502 21.76 0.43 -7.68
CA ARG A 502 22.94 1.15 -8.17
C ARG A 502 23.69 0.33 -9.22
N ARG A 503 24.23 1.01 -10.23
CA ARG A 503 24.81 0.36 -11.40
C ARG A 503 26.24 0.82 -11.69
N GLY A 504 27.03 -0.10 -12.24
CA GLY A 504 28.42 0.16 -12.58
C GLY A 504 28.53 0.82 -13.93
N ASP A 505 29.75 1.02 -14.40
CA ASP A 505 29.99 1.67 -15.70
C ASP A 505 29.44 0.87 -16.89
N ASP A 506 29.48 -0.47 -16.81
CA ASP A 506 28.86 -1.33 -17.84
C ASP A 506 27.31 -1.33 -17.83
N GLY A 507 26.71 -0.85 -16.73
CA GLY A 507 25.26 -0.70 -16.62
C GLY A 507 24.53 -1.80 -15.87
N ARG A 508 25.21 -2.89 -15.52
CA ARG A 508 24.67 -3.95 -14.67
C ARG A 508 24.55 -3.50 -13.21
N PHE A 509 23.74 -4.23 -12.45
CA PHE A 509 23.58 -3.99 -11.02
C PHE A 509 24.84 -4.42 -10.27
N LEU A 510 25.40 -3.51 -9.49
CA LEU A 510 26.55 -3.80 -8.63
C LEU A 510 26.21 -4.80 -7.53
N TRP A 511 24.97 -4.73 -7.04
CA TRP A 511 24.48 -5.59 -5.99
C TRP A 511 23.38 -6.50 -6.55
N PRO A 512 23.48 -7.83 -6.32
CA PRO A 512 22.49 -8.77 -6.84
C PRO A 512 21.10 -8.69 -6.19
N GLY A 513 21.06 -8.37 -4.90
CA GLY A 513 19.79 -8.05 -4.23
C GLY A 513 18.92 -9.25 -3.91
N PHE A 514 17.61 -9.01 -3.83
CA PHE A 514 16.61 -10.05 -3.53
C PHE A 514 16.97 -10.76 -2.22
N GLY A 515 17.05 -12.10 -2.19
CA GLY A 515 17.47 -12.81 -0.98
C GLY A 515 18.79 -12.33 -0.39
N GLU A 516 19.73 -11.95 -1.25
CA GLU A 516 21.02 -11.44 -0.78
C GLU A 516 20.91 -10.14 -0.01
N ASN A 517 19.79 -9.41 -0.17
CA ASN A 517 19.49 -8.24 0.69
C ASN A 517 19.42 -8.57 2.18
N SER A 518 19.21 -9.84 2.53
CA SER A 518 19.38 -10.32 3.91
C SER A 518 20.75 -9.98 4.51
N ARG A 519 21.78 -9.89 3.67
CA ARG A 519 23.13 -9.51 4.13
C ARG A 519 23.21 -8.05 4.56
N VAL A 520 22.50 -7.18 3.85
CA VAL A 520 22.36 -5.76 4.26
C VAL A 520 21.55 -5.67 5.56
N LEU A 521 20.53 -6.52 5.67
CA LEU A 521 19.69 -6.60 6.86
C LEU A 521 20.44 -7.15 8.05
N LYS A 522 21.36 -8.07 7.80
CA LYS A 522 22.23 -8.59 8.85
C LYS A 522 23.07 -7.44 9.41
N TRP A 523 23.66 -6.65 8.52
CA TRP A 523 24.46 -5.51 8.95
C TRP A 523 23.60 -4.58 9.81
N ILE A 524 22.37 -4.31 9.36
CA ILE A 524 21.43 -3.49 10.13
C ILE A 524 21.19 -4.09 11.52
N VAL A 525 20.99 -5.41 11.60
CA VAL A 525 20.82 -6.09 12.88
C VAL A 525 22.07 -5.91 13.77
N ASP A 526 23.25 -6.20 13.21
CA ASP A 526 24.51 -6.05 13.94
C ASP A 526 24.65 -4.65 14.50
N ARG A 527 24.36 -3.64 13.70
CA ARG A 527 24.45 -2.27 14.15
C ARG A 527 23.56 -2.04 15.40
N ILE A 528 22.37 -2.64 15.40
CA ILE A 528 21.44 -2.58 16.54
C ILE A 528 22.01 -3.30 17.78
N GLU A 529 22.74 -4.40 17.55
CA GLU A 529 23.44 -5.13 18.61
C GLU A 529 24.87 -4.61 18.85
N HIS A 530 25.20 -3.40 18.41
CA HIS A 530 26.55 -2.82 18.55
C HIS A 530 27.69 -3.83 18.22
N LYS A 531 27.47 -4.66 17.21
CA LYS A 531 28.36 -5.77 16.84
C LYS A 531 28.91 -5.69 15.40
N ALA A 532 28.79 -4.53 14.77
CA ALA A 532 29.45 -4.24 13.48
C ALA A 532 29.64 -2.75 13.33
N GLY A 533 30.57 -2.36 12.46
CA GLY A 533 30.96 -0.96 12.30
C GLY A 533 30.73 -0.38 10.92
N GLY A 534 30.81 0.95 10.85
CA GLY A 534 30.72 1.71 9.59
C GLY A 534 31.38 3.08 9.66
N ALA A 535 31.89 3.52 8.52
CA ALA A 535 32.60 4.80 8.42
C ALA A 535 31.61 5.95 8.45
N THR A 536 31.92 6.98 9.24
CA THR A 536 31.19 8.25 9.21
C THR A 536 31.48 8.95 7.90
N THR A 537 30.41 9.48 7.31
CA THR A 537 30.38 9.96 5.94
C THR A 537 29.53 11.22 5.94
N PRO A 538 29.70 12.09 4.91
CA PRO A 538 28.82 13.25 4.74
C PRO A 538 27.30 12.97 4.83
N ILE A 539 26.87 11.80 4.37
CA ILE A 539 25.45 11.44 4.33
C ILE A 539 25.02 10.48 5.46
N GLY A 540 25.85 10.26 6.47
CA GLY A 540 25.55 9.29 7.53
C GLY A 540 26.60 8.18 7.61
N THR A 541 26.30 7.11 8.35
CA THR A 541 27.24 6.03 8.58
C THR A 541 27.09 4.92 7.55
N VAL A 542 28.16 4.60 6.83
CA VAL A 542 28.12 3.65 5.71
C VAL A 542 29.19 2.59 5.91
N PRO A 543 28.83 1.29 5.81
CA PRO A 543 29.80 0.23 6.03
C PRO A 543 30.83 0.08 4.91
N ALA A 544 32.00 -0.45 5.26
CA ALA A 544 32.95 -0.91 4.25
C ALA A 544 32.59 -2.34 3.83
N VAL A 545 33.22 -2.81 2.77
CA VAL A 545 33.02 -4.19 2.28
C VAL A 545 33.38 -5.22 3.37
N GLU A 546 34.37 -4.88 4.20
CA GLU A 546 34.76 -5.64 5.40
C GLU A 546 33.58 -5.91 6.34
N ASP A 547 32.68 -4.94 6.48
CA ASP A 547 31.61 -5.01 7.49
C ASP A 547 30.39 -5.83 7.11
N LEU A 548 30.31 -6.30 5.87
CA LEU A 548 29.20 -7.12 5.40
C LEU A 548 29.56 -8.59 5.31
N ASP A 549 28.61 -9.45 5.67
CA ASP A 549 28.71 -10.88 5.50
C ASP A 549 28.55 -11.23 4.02
N LEU A 550 29.67 -11.20 3.29
CA LEU A 550 29.72 -11.65 1.89
C LEU A 550 30.14 -13.11 1.74
N ASP A 551 30.39 -13.77 2.87
CA ASP A 551 30.64 -15.21 2.94
C ASP A 551 29.57 -15.99 2.16
N GLY A 552 30.04 -16.77 1.17
CA GLY A 552 29.18 -17.57 0.33
C GLY A 552 28.58 -16.83 -0.86
N LEU A 553 28.93 -15.56 -1.04
CA LEU A 553 28.35 -14.76 -2.14
C LEU A 553 29.29 -14.68 -3.33
N ASP A 554 28.74 -14.95 -4.51
CA ASP A 554 29.50 -15.01 -5.73
C ASP A 554 29.49 -13.64 -6.44
N VAL A 555 30.17 -12.66 -5.84
CA VAL A 555 30.30 -11.31 -6.44
C VAL A 555 31.67 -10.71 -6.18
N ASP A 556 32.05 -9.78 -7.06
CA ASP A 556 33.31 -9.08 -6.96
C ASP A 556 33.27 -8.10 -5.77
N ALA A 557 34.27 -8.17 -4.90
CA ALA A 557 34.41 -7.23 -3.78
C ALA A 557 34.44 -5.80 -4.28
N ALA A 558 35.18 -5.54 -5.35
CA ALA A 558 35.21 -4.21 -5.99
C ALA A 558 33.83 -3.67 -6.36
N ASP A 559 32.95 -4.55 -6.85
CA ASP A 559 31.56 -4.19 -7.16
C ASP A 559 30.76 -3.79 -5.89
N VAL A 560 30.99 -4.49 -4.78
CA VAL A 560 30.36 -4.14 -3.48
C VAL A 560 30.88 -2.80 -2.91
N ALA A 561 32.17 -2.51 -3.11
CA ALA A 561 32.76 -1.23 -2.70
C ALA A 561 32.20 -0.08 -3.52
N ALA A 562 31.96 -0.35 -4.80
CA ALA A 562 31.34 0.63 -5.70
C ALA A 562 29.95 0.94 -5.19
N ALA A 563 29.19 -0.12 -4.87
CA ALA A 563 27.84 0.03 -4.31
C ALA A 563 27.85 0.87 -3.02
N LEU A 564 28.88 0.70 -2.19
CA LEU A 564 28.96 1.41 -0.90
C LEU A 564 29.67 2.77 -0.97
N ALA A 565 30.05 3.22 -2.16
CA ALA A 565 30.83 4.44 -2.32
C ALA A 565 30.00 5.71 -2.06
N VAL A 566 30.59 6.64 -1.32
CA VAL A 566 30.03 7.98 -1.15
C VAL A 566 30.98 8.97 -1.82
N ASP A 567 30.71 9.24 -3.10
CA ASP A 567 31.49 10.19 -3.87
C ASP A 567 30.94 11.59 -3.61
N ALA A 568 31.80 12.48 -3.12
CA ALA A 568 31.44 13.86 -2.81
C ALA A 568 30.96 14.66 -4.04
N ASP A 569 31.48 14.32 -5.21
CA ASP A 569 31.12 15.01 -6.44
C ASP A 569 29.68 14.71 -6.86
N GLU A 570 29.31 13.43 -6.90
CA GLU A 570 27.91 13.00 -7.15
C GLU A 570 26.90 13.63 -6.17
N TRP A 571 27.28 13.72 -4.90
CA TRP A 571 26.42 14.28 -3.87
C TRP A 571 26.33 15.78 -3.91
N ARG A 572 27.36 16.45 -4.42
CA ARG A 572 27.25 17.89 -4.70
C ARG A 572 26.25 18.18 -5.83
N GLN A 573 26.30 17.38 -6.91
CA GLN A 573 25.29 17.42 -7.99
C GLN A 573 23.85 17.08 -7.53
N GLU A 574 23.72 16.35 -6.44
CA GLU A 574 22.44 16.05 -5.82
C GLU A 574 21.81 17.25 -5.11
N LEU A 575 22.64 18.16 -4.60
CA LEU A 575 22.14 19.25 -3.73
C LEU A 575 21.12 20.21 -4.38
N PRO A 576 21.34 20.61 -5.65
CA PRO A 576 20.33 21.42 -6.35
C PRO A 576 18.99 20.71 -6.59
N LEU A 577 19.01 19.39 -6.78
CA LEU A 577 17.78 18.60 -6.90
C LEU A 577 17.04 18.56 -5.55
N ILE A 578 17.78 18.43 -4.46
CA ILE A 578 17.18 18.48 -3.15
C ILE A 578 16.69 19.90 -2.84
N GLU A 579 17.46 20.90 -3.26
CA GLU A 579 17.10 22.31 -3.06
C GLU A 579 15.75 22.60 -3.67
N GLU A 580 15.61 22.33 -4.97
CA GLU A 580 14.36 22.54 -5.71
C GLU A 580 13.20 21.92 -4.96
N TRP A 581 13.38 20.64 -4.59
CA TRP A 581 12.36 19.89 -3.87
C TRP A 581 11.91 20.55 -2.57
N LEU A 582 12.85 21.05 -1.77
CA LEU A 582 12.48 21.66 -0.50
C LEU A 582 11.87 23.05 -0.68
N GLN A 583 12.19 23.70 -1.80
CA GLN A 583 11.50 24.94 -2.19
C GLN A 583 10.05 24.63 -2.57
N PHE A 584 9.88 23.54 -3.32
CA PHE A 584 8.56 23.07 -3.73
C PHE A 584 7.66 22.70 -2.54
N VAL A 585 8.24 22.20 -1.47
CA VAL A 585 7.47 21.93 -0.24
C VAL A 585 6.87 23.21 0.34
N GLY A 586 7.55 24.33 0.15
CA GLY A 586 6.98 25.62 0.45
C GLY A 586 7.06 26.04 1.91
N GLU A 587 6.10 26.86 2.31
CA GLU A 587 6.20 27.61 3.56
C GLU A 587 6.10 26.74 4.83
N LYS A 588 5.56 25.54 4.69
CA LYS A 588 5.42 24.62 5.81
C LYS A 588 6.62 23.68 5.97
N LEU A 589 7.62 23.80 5.08
CA LEU A 589 8.89 23.09 5.25
C LEU A 589 9.43 23.34 6.65
N PRO A 590 9.62 22.26 7.45
CA PRO A 590 10.11 22.50 8.80
C PRO A 590 11.55 22.99 8.83
N THR A 591 11.86 23.75 9.86
CA THR A 591 13.19 24.29 10.04
C THR A 591 14.18 23.15 10.34
N GLY A 592 13.70 22.12 11.05
CA GLY A 592 14.45 20.86 11.21
C GLY A 592 14.96 20.25 9.91
N VAL A 593 14.12 20.21 8.88
CA VAL A 593 14.54 19.67 7.56
C VAL A 593 15.53 20.62 6.88
N LYS A 594 15.32 21.94 7.02
CA LYS A 594 16.25 22.96 6.49
C LYS A 594 17.65 22.81 7.10
N ASP A 595 17.73 22.71 8.43
CA ASP A 595 19.01 22.49 9.14
C ASP A 595 19.78 21.28 8.62
N GLU A 596 19.06 20.18 8.37
CA GLU A 596 19.65 18.96 7.86
C GLU A 596 20.15 19.12 6.44
N PHE A 597 19.43 19.92 5.65
CA PHE A 597 19.91 20.25 4.31
C PHE A 597 21.19 21.08 4.37
N ASP A 598 21.21 22.06 5.29
CA ASP A 598 22.39 22.91 5.49
C ASP A 598 23.55 22.08 6.02
N ALA A 599 23.26 21.20 7.00
CA ALA A 599 24.29 20.33 7.59
C ALA A 599 24.92 19.40 6.54
N LEU A 600 24.09 18.76 5.73
CA LEU A 600 24.56 17.91 4.64
C LEU A 600 25.44 18.69 3.68
N LYS A 601 25.06 19.96 3.45
CA LYS A 601 25.83 20.86 2.60
C LYS A 601 27.19 21.15 3.25
N GLU A 602 27.17 21.59 4.51
CA GLU A 602 28.39 21.85 5.29
C GLU A 602 29.37 20.68 5.23
N ARG A 603 28.86 19.46 5.39
CA ARG A 603 29.70 18.27 5.39
C ARG A 603 30.26 17.90 4.00
N LEU A 604 29.49 18.10 2.93
CA LEU A 604 30.01 17.87 1.57
C LEU A 604 30.97 18.98 1.09
N GLY A 605 30.85 20.17 1.69
CA GLY A 605 31.66 21.35 1.28
C GLY A 605 31.23 21.89 -0.08
PB GDP B . 6.66 -3.21 -5.05
O1B GDP B . 6.03 -4.34 -4.29
O2B GDP B . 5.81 -2.69 -6.21
O3B GDP B . 7.15 -2.08 -4.17
O3A GDP B . 8.01 -3.81 -5.70
PA GDP B . 8.16 -5.38 -6.12
O1A GDP B . 6.88 -5.76 -6.81
O2A GDP B . 8.66 -6.24 -4.99
O5' GDP B . 9.37 -5.36 -7.19
C5' GDP B . 9.36 -4.35 -8.18
C4' GDP B . 10.40 -4.61 -9.25
O4' GDP B . 11.70 -4.48 -8.66
C3' GDP B . 10.30 -5.99 -9.86
O3' GDP B . 10.45 -5.84 -11.29
C2' GDP B . 11.41 -6.77 -9.12
O2' GDP B . 12.01 -7.85 -9.86
C1' GDP B . 12.44 -5.69 -8.81
N9 GDP B . 13.21 -5.89 -7.54
C8 GDP B . 12.73 -6.09 -6.30
N7 GDP B . 13.74 -6.19 -5.40
C5 GDP B . 14.89 -6.04 -6.08
C6 GDP B . 16.33 -6.04 -5.76
O6 GDP B . 16.73 -6.21 -4.60
N1 GDP B . 17.21 -5.87 -6.76
C2 GDP B . 16.82 -5.66 -8.04
N2 GDP B . 17.76 -5.47 -8.99
N3 GDP B . 15.52 -5.65 -8.41
C4 GDP B . 14.53 -5.83 -7.49
C1 PEG C . -0.85 0.14 18.49
O1 PEG C . 0.12 -0.58 19.26
C2 PEG C . -0.42 0.23 17.03
O2 PEG C . -1.51 0.67 16.21
C3 PEG C . -1.66 2.10 16.09
C4 PEG C . -2.96 2.50 15.37
O4 PEG C . -3.83 3.34 16.17
C1 PEG D . -13.37 -15.53 1.08
O1 PEG D . -12.43 -14.42 1.13
C2 PEG D . -12.67 -16.89 1.19
O2 PEG D . -13.24 -17.86 2.08
C3 PEG D . -13.32 -17.42 3.44
C4 PEG D . -13.10 -18.48 4.50
O4 PEG D . -13.31 -17.93 5.82
C1 PEG E . 18.74 -22.35 6.97
O1 PEG E . 18.64 -22.38 8.39
C2 PEG E . 18.06 -21.08 6.43
O2 PEG E . 18.86 -20.45 5.42
C3 PEG E . 18.93 -21.21 4.21
C4 PEG E . 19.71 -20.43 3.16
O4 PEG E . 21.06 -20.91 3.02
MN MN F . 1.60 -0.01 -3.48
MN MN G . 3.94 -4.70 -4.30
#